data_5AXL
#
_entry.id   5AXL
#
_cell.length_a   103.125
_cell.length_b   115.693
_cell.length_c   144.882
_cell.angle_alpha   90.00
_cell.angle_beta   90.00
_cell.angle_gamma   90.00
#
_symmetry.space_group_name_H-M   'C 2 2 21'
#
loop_
_entity.id
_entity.type
_entity.pdbx_description
1 polymer "tRNA(His)-5'-guanylyltransferase (Thg1) like protein"
2 non-polymer "GUANOSINE-5'-TRIPHOSPHATE"
3 non-polymer 'MAGNESIUM ION'
4 water water
#
_entity_poly.entity_id   1
_entity_poly.type   'polypeptide(L)'
_entity_poly.pdbx_seq_one_letter_code
;MKTREIYAEMRCIPPVVLRADGRNFKNTLSGLGFEKPYDKTFARAMADTAELFIKKSGLSPLFAYTFSDEISFLFTDLPF
DGRVEKIDSVVASFLGSALTIKLRLEEPIAFDSRLVALQKEEIPEYFHRRQLEAWRNFVASWGYYALRNEGMGRNEAAKY
LKRKKESEIHEMLFERGINLATLPSWQRRGVIISKEAREIQGFNPVSGKEEKSLRRKITQNWEIPKFKSEKGIPFLEKLI
NRNLEHHHHHH
;
_entity_poly.pdbx_strand_id   A,B
#
loop_
_chem_comp.id
_chem_comp.type
_chem_comp.name
_chem_comp.formula
GTP non-polymer GUANOSINE-5'-TRIPHOSPHATE 'C10 H16 N5 O14 P3'
MG non-polymer 'MAGNESIUM ION' 'Mg 2'
#
# COMPACT_ATOMS: atom_id res chain seq x y z
N THR A 3 -18.82 -17.25 -2.51
CA THR A 3 -18.28 -15.89 -2.49
C THR A 3 -17.56 -15.62 -1.18
N ARG A 4 -16.32 -16.08 -1.08
CA ARG A 4 -15.53 -15.93 0.15
C ARG A 4 -14.98 -14.52 0.33
N GLU A 5 -14.89 -13.77 -0.76
CA GLU A 5 -14.42 -12.39 -0.69
C GLU A 5 -15.55 -11.48 -0.26
N ILE A 6 -15.87 -11.49 1.04
CA ILE A 6 -17.07 -10.87 1.55
C ILE A 6 -17.00 -9.33 1.63
N TYR A 7 -15.82 -8.79 1.93
CA TYR A 7 -15.68 -7.34 2.03
C TYR A 7 -15.37 -6.69 0.69
N ALA A 8 -15.19 -7.52 -0.33
CA ALA A 8 -14.85 -7.03 -1.66
C ALA A 8 -16.04 -6.32 -2.31
N GLU A 9 -17.17 -6.27 -1.61
CA GLU A 9 -18.39 -5.67 -2.12
C GLU A 9 -18.71 -4.35 -1.41
N MET A 10 -18.24 -4.25 -0.16
CA MET A 10 -18.41 -3.05 0.65
C MET A 10 -18.07 -1.77 -0.11
N ARG A 11 -18.99 -0.81 -0.13
CA ARG A 11 -18.83 0.38 -0.95
C ARG A 11 -19.09 1.67 -0.17
N CYS A 12 -18.89 2.80 -0.85
CA CYS A 12 -19.17 4.11 -0.27
C CYS A 12 -19.78 5.07 -1.30
N ILE A 13 -20.10 6.28 -0.83
CA ILE A 13 -20.69 7.31 -1.70
C ILE A 13 -19.91 8.63 -1.56
N PRO A 14 -19.86 9.42 -2.66
CA PRO A 14 -19.23 10.74 -2.63
C PRO A 14 -20.00 11.74 -1.77
N PRO A 15 -19.29 12.68 -1.12
CA PRO A 15 -17.84 12.81 -1.16
C PRO A 15 -17.18 12.01 -0.03
N VAL A 16 -15.95 11.55 -0.24
CA VAL A 16 -15.27 10.78 0.79
C VAL A 16 -13.85 11.31 0.97
N VAL A 17 -13.28 11.11 2.14
CA VAL A 17 -11.90 11.53 2.36
C VAL A 17 -11.03 10.33 2.71
N LEU A 18 -9.96 10.11 1.94
CA LEU A 18 -9.07 9.01 2.26
C LEU A 18 -7.93 9.51 3.13
N ARG A 19 -7.82 8.98 4.35
CA ARG A 19 -6.71 9.39 5.20
C ARG A 19 -5.73 8.25 5.37
N ALA A 20 -4.51 8.48 4.90
CA ALA A 20 -3.41 7.54 5.05
C ALA A 20 -2.40 8.04 6.07
N ASP A 21 -2.02 7.15 6.98
CA ASP A 21 -1.07 7.49 8.04
C ASP A 21 0.08 6.50 8.07
N GLY A 22 1.31 7.03 8.03
CA GLY A 22 2.51 6.21 8.09
C GLY A 22 2.55 5.26 9.27
N ARG A 23 2.72 3.97 9.01
CA ARG A 23 2.76 2.96 10.05
C ARG A 23 4.12 2.90 10.74
N ASN A 24 4.11 2.96 12.07
CA ASN A 24 5.32 2.87 12.89
C ASN A 24 6.42 3.83 12.43
N PHE A 25 6.01 5.01 11.95
CA PHE A 25 6.95 5.97 11.40
C PHE A 25 7.86 6.60 12.46
N LYS A 26 7.43 6.61 13.71
CA LYS A 26 8.27 7.14 14.79
C LYS A 26 9.59 6.38 14.85
N ASN A 27 9.49 5.06 14.95
CA ASN A 27 10.66 4.20 14.98
C ASN A 27 11.43 4.29 13.68
N THR A 28 10.75 3.96 12.57
CA THR A 28 11.38 3.90 11.26
C THR A 28 12.08 5.20 10.87
N LEU A 29 11.63 6.35 11.39
CA LEU A 29 12.30 7.59 11.06
C LEU A 29 13.37 7.90 12.10
N SER A 30 13.24 7.33 13.30
CA SER A 30 14.29 7.51 14.29
C SER A 30 15.54 6.76 13.83
N GLY A 31 15.31 5.59 13.25
CA GLY A 31 16.38 4.71 12.80
C GLY A 31 17.27 5.29 11.72
N LEU A 32 16.66 5.93 10.73
CA LEU A 32 17.38 6.37 9.54
C LEU A 32 18.13 7.67 9.80
N GLY A 33 17.75 8.35 10.88
CA GLY A 33 18.44 9.55 11.34
C GLY A 33 17.84 10.85 10.82
N PHE A 34 16.52 10.95 10.85
CA PHE A 34 15.84 12.17 10.45
C PHE A 34 15.92 13.20 11.58
N GLU A 35 16.11 14.46 11.23
CA GLU A 35 16.16 15.54 12.21
C GLU A 35 14.84 15.63 12.97
N LYS A 36 14.90 15.87 14.26
CA LYS A 36 13.69 15.92 15.09
C LYS A 36 13.60 17.31 15.72
N PRO A 37 12.37 17.85 15.88
CA PRO A 37 11.08 17.20 15.64
C PRO A 37 10.53 17.37 14.23
N TYR A 38 11.16 18.22 13.43
CA TYR A 38 10.73 18.36 12.05
C TYR A 38 11.90 18.27 11.08
N ASP A 39 11.63 17.75 9.89
CA ASP A 39 12.67 17.54 8.90
C ASP A 39 12.09 17.88 7.54
N LYS A 40 12.55 18.98 6.96
CA LYS A 40 11.99 19.45 5.70
C LYS A 40 12.20 18.47 4.55
N THR A 41 13.15 17.56 4.70
CA THR A 41 13.40 16.56 3.67
C THR A 41 12.26 15.55 3.66
N PHE A 42 11.84 15.13 4.85
CA PHE A 42 10.73 14.19 4.99
C PHE A 42 9.41 14.85 4.56
N ALA A 43 9.24 16.11 4.95
CA ALA A 43 8.02 16.84 4.61
C ALA A 43 7.93 17.03 3.11
N ARG A 44 9.07 17.36 2.49
CA ARG A 44 9.11 17.53 1.05
C ARG A 44 8.82 16.19 0.39
N ALA A 45 9.31 15.12 0.99
CA ALA A 45 9.07 13.77 0.49
C ALA A 45 7.58 13.44 0.50
N MET A 46 6.90 13.85 1.57
CA MET A 46 5.48 13.56 1.71
C MET A 46 4.63 14.39 0.75
N ALA A 47 4.97 15.67 0.60
CA ALA A 47 4.26 16.53 -0.34
C ALA A 47 4.49 16.08 -1.77
N ASP A 48 5.70 15.61 -2.04
CA ASP A 48 6.07 15.12 -3.36
C ASP A 48 5.33 13.82 -3.62
N THR A 49 5.16 13.01 -2.58
CA THR A 49 4.38 11.79 -2.65
C THR A 49 2.93 12.10 -3.02
N ALA A 50 2.36 13.11 -2.38
CA ALA A 50 0.98 13.51 -2.67
C ALA A 50 0.84 14.01 -4.11
N GLU A 51 1.80 14.84 -4.52
CA GLU A 51 1.82 15.37 -5.89
C GLU A 51 1.90 14.24 -6.90
N LEU A 52 2.78 13.28 -6.63
CA LEU A 52 2.98 12.12 -7.51
C LEU A 52 1.72 11.29 -7.59
N PHE A 53 1.00 11.19 -6.46
CA PHE A 53 -0.28 10.49 -6.44
C PHE A 53 -1.28 11.18 -7.35
N ILE A 54 -1.50 12.47 -7.12
CA ILE A 54 -2.41 13.24 -7.97
C ILE A 54 -2.05 13.15 -9.45
N LYS A 55 -0.75 13.05 -9.74
CA LYS A 55 -0.26 13.14 -11.11
C LYS A 55 -0.29 11.80 -11.87
N LYS A 56 0.02 10.70 -11.19
CA LYS A 56 0.25 9.44 -11.90
C LYS A 56 -0.47 8.21 -11.34
N SER A 57 -1.35 8.41 -10.37
CA SER A 57 -2.07 7.28 -9.78
C SER A 57 -3.20 6.82 -10.70
N GLY A 58 -3.69 7.74 -11.52
CA GLY A 58 -4.80 7.46 -12.40
C GLY A 58 -6.13 7.63 -11.68
N LEU A 59 -6.06 8.05 -10.43
CA LEU A 59 -7.24 8.44 -9.68
C LEU A 59 -7.35 9.95 -9.71
N SER A 60 -8.47 10.50 -9.24
CA SER A 60 -8.70 11.93 -9.39
C SER A 60 -9.21 12.61 -8.12
N PRO A 61 -8.34 12.79 -7.12
CA PRO A 61 -8.73 13.58 -5.93
C PRO A 61 -8.81 15.06 -6.27
N LEU A 62 -9.57 15.83 -5.51
CA LEU A 62 -9.62 17.27 -5.71
C LEU A 62 -8.34 17.90 -5.18
N PHE A 63 -7.92 17.46 -3.99
CA PHE A 63 -6.65 17.86 -3.43
C PHE A 63 -6.21 16.98 -2.28
N ALA A 64 -4.94 17.13 -1.91
CA ALA A 64 -4.37 16.46 -0.76
C ALA A 64 -3.98 17.48 0.31
N TYR A 65 -4.13 17.10 1.57
CA TYR A 65 -3.63 17.88 2.67
C TYR A 65 -2.72 17.01 3.50
N THR A 66 -1.50 17.46 3.76
CA THR A 66 -0.55 16.61 4.47
C THR A 66 0.10 17.31 5.66
N PHE A 67 0.34 16.52 6.70
CA PHE A 67 1.08 16.99 7.87
C PHE A 67 1.55 15.78 8.64
N SER A 68 2.62 15.95 9.41
CA SER A 68 3.19 14.86 10.18
C SER A 68 3.49 13.70 9.23
N ASP A 69 3.08 12.50 9.61
CA ASP A 69 3.24 11.35 8.74
C ASP A 69 1.94 10.96 8.04
N GLU A 70 1.10 11.93 7.73
CA GLU A 70 -0.20 11.60 7.14
C GLU A 70 -0.65 12.51 6.00
N ILE A 71 -1.42 11.92 5.08
CA ILE A 71 -2.00 12.64 3.95
C ILE A 71 -3.50 12.32 3.85
N SER A 72 -4.29 13.35 3.55
CA SER A 72 -5.72 13.17 3.32
C SER A 72 -6.09 13.61 1.91
N PHE A 73 -6.79 12.76 1.18
CA PHE A 73 -7.21 13.06 -0.18
C PHE A 73 -8.72 13.27 -0.24
N LEU A 74 -9.15 14.42 -0.72
CA LEU A 74 -10.58 14.63 -0.91
C LEU A 74 -11.03 14.05 -2.24
N PHE A 75 -12.05 13.20 -2.19
CA PHE A 75 -12.60 12.57 -3.39
C PHE A 75 -14.06 12.95 -3.60
N THR A 76 -14.35 13.45 -4.79
CA THR A 76 -15.73 13.66 -5.23
C THR A 76 -16.06 12.59 -6.27
N ASP A 77 -15.19 12.43 -7.26
CA ASP A 77 -15.24 11.28 -8.14
C ASP A 77 -14.64 10.08 -7.42
N LEU A 78 -15.47 9.07 -7.16
CA LEU A 78 -14.99 7.86 -6.48
C LEU A 78 -14.29 6.89 -7.42
N PRO A 79 -13.12 6.41 -7.01
CA PRO A 79 -12.37 5.37 -7.75
C PRO A 79 -12.91 3.98 -7.45
N PHE A 80 -12.69 3.05 -8.37
CA PHE A 80 -13.04 1.64 -8.19
C PHE A 80 -14.47 1.38 -7.73
N ASP A 81 -15.41 2.14 -8.28
CA ASP A 81 -16.83 1.98 -7.96
C ASP A 81 -17.12 2.16 -6.46
N GLY A 82 -16.21 2.80 -5.74
CA GLY A 82 -16.38 3.04 -4.33
C GLY A 82 -16.02 1.83 -3.48
N ARG A 83 -15.42 0.82 -4.08
CA ARG A 83 -15.03 -0.38 -3.35
C ARG A 83 -13.98 -0.03 -2.30
N VAL A 84 -14.35 -0.19 -1.03
CA VAL A 84 -13.51 0.25 0.08
C VAL A 84 -12.18 -0.48 0.15
N GLU A 85 -12.22 -1.81 0.02
CA GLU A 85 -11.02 -2.63 0.00
C GLU A 85 -10.04 -2.19 -1.08
N LYS A 86 -10.54 -2.03 -2.29
CA LYS A 86 -9.70 -1.72 -3.44
C LYS A 86 -9.12 -0.32 -3.31
N ILE A 87 -9.95 0.64 -2.92
CA ILE A 87 -9.49 2.02 -2.76
C ILE A 87 -8.40 2.12 -1.68
N ASP A 88 -8.72 1.61 -0.49
CA ASP A 88 -7.77 1.66 0.64
C ASP A 88 -6.46 0.97 0.29
N SER A 89 -6.55 -0.26 -0.21
CA SER A 89 -5.36 -1.05 -0.50
C SER A 89 -4.51 -0.42 -1.60
N VAL A 90 -5.14 -0.07 -2.71
CA VAL A 90 -4.40 0.51 -3.85
C VAL A 90 -3.74 1.83 -3.47
N VAL A 91 -4.49 2.72 -2.83
CA VAL A 91 -3.92 4.03 -2.49
C VAL A 91 -2.79 3.89 -1.46
N ALA A 92 -3.02 3.08 -0.42
CA ALA A 92 -1.96 2.82 0.57
C ALA A 92 -0.70 2.27 -0.09
N SER A 93 -0.88 1.31 -0.99
CA SER A 93 0.24 0.68 -1.70
C SER A 93 1.01 1.69 -2.54
N PHE A 94 0.27 2.49 -3.30
CA PHE A 94 0.88 3.51 -4.15
C PHE A 94 1.67 4.49 -3.31
N LEU A 95 1.10 4.91 -2.19
CA LEU A 95 1.77 5.85 -1.29
C LEU A 95 3.06 5.25 -0.74
N GLY A 96 3.01 3.98 -0.34
CA GLY A 96 4.19 3.28 0.12
C GLY A 96 5.28 3.27 -0.92
N SER A 97 4.91 2.96 -2.15
CA SER A 97 5.86 2.91 -3.27
C SER A 97 6.49 4.28 -3.53
N ALA A 98 5.63 5.27 -3.72
CA ALA A 98 6.06 6.65 -3.97
C ALA A 98 7.02 7.15 -2.91
N LEU A 99 6.61 7.09 -1.64
CA LEU A 99 7.46 7.54 -0.55
C LEU A 99 8.77 6.76 -0.50
N THR A 100 8.70 5.46 -0.77
CA THR A 100 9.89 4.62 -0.81
C THR A 100 10.87 5.14 -1.87
N ILE A 101 10.34 5.58 -3.00
CA ILE A 101 11.16 6.18 -4.05
C ILE A 101 11.76 7.51 -3.59
N LYS A 102 10.92 8.38 -3.02
CA LYS A 102 11.32 9.76 -2.72
C LYS A 102 12.33 9.88 -1.58
N LEU A 103 12.30 8.93 -0.65
CA LEU A 103 13.25 8.94 0.46
C LEU A 103 14.43 8.01 0.19
N ARG A 104 14.37 7.34 -0.96
CA ARG A 104 15.42 6.42 -1.39
C ARG A 104 15.67 5.36 -0.32
N LEU A 105 14.60 4.71 0.11
CA LEU A 105 14.65 3.81 1.26
C LEU A 105 15.29 2.46 0.93
N GLU A 106 16.02 1.91 1.89
CA GLU A 106 16.66 0.61 1.74
C GLU A 106 15.80 -0.47 2.38
N GLU A 107 15.02 -0.07 3.39
CA GLU A 107 14.09 -0.96 4.06
C GLU A 107 12.66 -0.47 3.84
N PRO A 108 11.72 -1.42 3.69
CA PRO A 108 10.33 -1.08 3.33
C PRO A 108 9.54 -0.39 4.45
N ILE A 109 8.59 0.44 4.06
CA ILE A 109 7.67 1.08 5.00
C ILE A 109 6.23 0.81 4.59
N ALA A 110 5.28 1.26 5.41
CA ALA A 110 3.87 1.09 5.06
C ALA A 110 3.01 2.25 5.56
N PHE A 111 1.98 2.57 4.78
CA PHE A 111 0.90 3.42 5.28
C PHE A 111 -0.30 2.55 5.65
N ASP A 112 -1.09 3.03 6.60
CA ASP A 112 -2.44 2.53 6.79
C ASP A 112 -3.36 3.49 6.07
N SER A 113 -4.54 3.03 5.68
CA SER A 113 -5.49 3.91 5.02
C SER A 113 -6.88 3.70 5.57
N ARG A 114 -7.70 4.74 5.51
CA ARG A 114 -9.11 4.60 5.90
C ARG A 114 -9.99 5.63 5.22
N LEU A 115 -11.21 5.21 4.90
CA LEU A 115 -12.20 6.11 4.33
C LEU A 115 -12.97 6.83 5.43
N VAL A 116 -13.12 8.13 5.25
CA VAL A 116 -13.92 8.97 6.12
C VAL A 116 -15.12 9.45 5.32
N ALA A 117 -16.30 8.98 5.71
CA ALA A 117 -17.54 9.34 5.01
C ALA A 117 -18.06 10.65 5.54
N LEU A 118 -18.36 11.58 4.63
CA LEU A 118 -18.74 12.92 5.02
C LEU A 118 -19.87 13.47 4.17
N GLN A 119 -20.62 14.40 4.75
CA GLN A 119 -21.55 15.21 3.98
C GLN A 119 -20.80 16.43 3.50
N LYS A 120 -21.12 16.88 2.29
CA LYS A 120 -20.42 17.99 1.65
C LYS A 120 -20.26 19.19 2.59
N GLU A 121 -21.35 19.55 3.25
CA GLU A 121 -21.34 20.65 4.22
C GLU A 121 -20.32 20.45 5.35
N GLU A 122 -19.95 19.19 5.60
CA GLU A 122 -19.01 18.86 6.67
C GLU A 122 -17.56 18.92 6.22
N ILE A 123 -17.33 19.04 4.92
CA ILE A 123 -15.97 18.94 4.39
C ILE A 123 -14.99 19.96 4.98
N PRO A 124 -15.38 21.25 5.08
CA PRO A 124 -14.43 22.17 5.72
C PRO A 124 -14.07 21.75 7.15
N GLU A 125 -15.08 21.42 7.96
CA GLU A 125 -14.87 21.11 9.37
C GLU A 125 -13.81 20.04 9.55
N TYR A 126 -13.95 18.95 8.80
CA TYR A 126 -12.97 17.87 8.82
C TYR A 126 -11.55 18.41 8.71
N PHE A 127 -11.30 19.19 7.66
CA PHE A 127 -9.95 19.67 7.43
C PHE A 127 -9.55 20.62 8.53
N HIS A 128 -10.52 21.41 9.02
CA HIS A 128 -10.25 22.26 10.16
C HIS A 128 -9.78 21.41 11.31
N ARG A 129 -10.50 20.32 11.57
CA ARG A 129 -10.16 19.42 12.67
C ARG A 129 -8.73 19.00 12.49
N ARG A 130 -8.39 18.61 11.25
CA ARG A 130 -7.08 18.06 10.97
C ARG A 130 -6.03 19.12 11.22
N GLN A 131 -6.32 20.35 10.79
CA GLN A 131 -5.37 21.43 10.98
C GLN A 131 -5.12 21.59 12.46
N LEU A 132 -6.19 21.53 13.25
CA LEU A 132 -6.07 21.66 14.68
C LEU A 132 -5.12 20.59 15.21
N GLU A 133 -5.32 19.37 14.75
CA GLU A 133 -4.47 18.26 15.16
C GLU A 133 -3.03 18.55 14.80
N ALA A 134 -2.82 19.08 13.60
CA ALA A 134 -1.49 19.45 13.15
C ALA A 134 -0.86 20.38 14.18
N TRP A 135 -1.61 21.42 14.54
CA TRP A 135 -1.13 22.38 15.51
C TRP A 135 -0.78 21.68 16.82
N ARG A 136 -1.66 20.79 17.26
CA ARG A 136 -1.46 20.13 18.54
C ARG A 136 -0.21 19.26 18.49
N ASN A 137 0.13 18.78 17.31
CA ASN A 137 1.38 18.05 17.14
C ASN A 137 2.53 19.04 17.31
N PHE A 138 2.46 20.11 16.52
CA PHE A 138 3.49 21.15 16.47
C PHE A 138 4.01 21.48 17.85
N VAL A 139 3.15 22.09 18.66
CA VAL A 139 3.48 22.48 20.02
C VAL A 139 4.16 21.32 20.75
N ALA A 140 3.46 20.19 20.81
CA ALA A 140 3.95 19.04 21.57
C ALA A 140 5.33 18.66 21.06
N SER A 141 5.45 18.61 19.73
CA SER A 141 6.67 18.14 19.10
C SER A 141 7.86 18.98 19.56
N TRP A 142 7.64 20.28 19.73
CA TRP A 142 8.74 21.12 20.16
C TRP A 142 8.97 20.99 21.66
N GLY A 143 7.88 20.95 22.43
CA GLY A 143 7.95 20.87 23.88
C GLY A 143 8.82 19.69 24.25
N TYR A 144 8.38 18.53 23.79
CA TYR A 144 9.08 17.27 23.92
C TYR A 144 10.57 17.47 23.65
N TYR A 145 10.87 18.04 22.49
CA TYR A 145 12.24 18.25 22.05
C TYR A 145 13.02 19.00 23.13
N ALA A 146 12.47 20.13 23.54
CA ALA A 146 13.11 20.98 24.53
C ALA A 146 13.43 20.17 25.78
N LEU A 147 12.47 19.37 26.22
CA LEU A 147 12.65 18.57 27.42
C LEU A 147 13.85 17.65 27.28
N ARG A 148 13.95 16.97 26.15
CA ARG A 148 15.06 16.06 25.92
C ARG A 148 16.38 16.83 25.89
N ASN A 149 16.31 18.09 25.45
CA ASN A 149 17.50 18.93 25.39
C ASN A 149 17.92 19.42 26.76
N GLU A 150 17.03 19.34 27.74
CA GLU A 150 17.34 19.79 29.09
C GLU A 150 17.74 18.62 29.98
N GLY A 151 18.23 17.55 29.34
CA GLY A 151 18.70 16.38 30.05
C GLY A 151 17.58 15.65 30.78
N MET A 152 16.57 15.26 30.02
CA MET A 152 15.44 14.52 30.56
C MET A 152 15.31 13.15 29.90
N GLY A 153 14.82 12.18 30.65
CA GLY A 153 14.47 10.89 30.09
C GLY A 153 13.19 10.99 29.30
N ARG A 154 12.95 10.02 28.41
CA ARG A 154 11.75 10.01 27.58
C ARG A 154 10.45 9.99 28.37
N ASN A 155 10.37 9.05 29.30
CA ASN A 155 9.17 8.86 30.11
C ASN A 155 8.86 10.10 30.95
N GLU A 156 9.91 10.66 31.55
CA GLU A 156 9.78 11.88 32.35
C GLU A 156 9.28 13.03 31.50
N ALA A 157 9.82 13.13 30.28
CA ALA A 157 9.44 14.19 29.36
C ALA A 157 7.97 14.10 28.96
N ALA A 158 7.50 12.88 28.64
CA ALA A 158 6.10 12.70 28.29
C ALA A 158 5.23 13.06 29.48
N LYS A 159 5.67 12.59 30.65
CA LYS A 159 4.95 12.74 31.90
C LYS A 159 4.71 14.21 32.18
N TYR A 160 5.79 14.98 32.18
CA TYR A 160 5.74 16.41 32.47
C TYR A 160 4.94 17.11 31.36
N LEU A 161 5.07 16.62 30.13
CA LEU A 161 4.45 17.23 28.97
C LEU A 161 2.93 17.21 29.11
N LYS A 162 2.41 16.12 29.67
CA LYS A 162 0.97 16.05 29.93
C LYS A 162 0.49 17.07 30.96
N ARG A 163 1.30 17.33 31.98
CA ARG A 163 0.92 18.19 33.10
C ARG A 163 0.60 19.62 32.68
N LYS A 164 1.41 20.18 31.79
CA LYS A 164 1.26 21.58 31.39
C LYS A 164 0.49 21.71 30.08
N LYS A 165 -0.27 22.79 29.93
CA LYS A 165 -1.03 23.03 28.70
C LYS A 165 -0.31 24.03 27.79
N GLU A 166 -0.91 24.30 26.64
CA GLU A 166 -0.27 24.98 25.51
C GLU A 166 0.45 26.27 25.85
N SER A 167 -0.17 27.08 26.71
CA SER A 167 0.38 28.37 27.10
C SER A 167 1.75 28.22 27.76
N GLU A 168 1.80 27.34 28.76
CA GLU A 168 3.03 27.08 29.51
C GLU A 168 4.13 26.55 28.60
N ILE A 169 3.74 25.79 27.59
CA ILE A 169 4.69 25.27 26.60
C ILE A 169 5.25 26.41 25.76
N HIS A 170 4.36 27.27 25.28
CA HIS A 170 4.75 28.51 24.59
C HIS A 170 5.78 29.27 25.41
N GLU A 171 5.51 29.40 26.71
CA GLU A 171 6.38 30.12 27.62
C GLU A 171 7.77 29.46 27.70
N MET A 172 7.76 28.15 27.89
CA MET A 172 9.00 27.38 28.00
C MET A 172 9.86 27.50 26.75
N LEU A 173 9.24 27.34 25.59
CA LEU A 173 9.95 27.40 24.33
C LEU A 173 10.43 28.81 23.98
N PHE A 174 9.64 29.81 24.37
CA PHE A 174 9.98 31.20 24.08
C PHE A 174 11.17 31.61 24.95
N GLU A 175 11.21 31.09 26.17
CA GLU A 175 12.32 31.33 27.07
C GLU A 175 13.65 30.87 26.48
N ARG A 176 13.65 29.66 25.92
CA ARG A 176 14.86 29.04 25.41
C ARG A 176 15.24 29.45 23.98
N GLY A 177 14.60 30.49 23.47
CA GLY A 177 15.01 31.04 22.19
C GLY A 177 14.11 30.68 21.02
N ILE A 178 13.10 29.85 21.28
CA ILE A 178 12.25 29.35 20.20
C ILE A 178 10.88 30.00 20.24
N ASN A 179 10.62 30.86 19.27
CA ASN A 179 9.30 31.45 19.10
C ASN A 179 8.47 30.63 18.11
N LEU A 180 7.40 30.03 18.61
CA LEU A 180 6.58 29.12 17.81
C LEU A 180 5.84 29.84 16.69
N ALA A 181 5.66 31.15 16.81
CA ALA A 181 4.91 31.91 15.82
C ALA A 181 5.75 32.21 14.58
N THR A 182 7.07 32.14 14.72
CA THR A 182 7.98 32.43 13.61
C THR A 182 8.53 31.18 12.95
N LEU A 183 8.17 30.01 13.47
CA LEU A 183 8.59 28.76 12.86
C LEU A 183 7.79 28.60 11.57
N PRO A 184 8.32 27.81 10.61
CA PRO A 184 7.70 27.81 9.28
C PRO A 184 6.24 27.36 9.26
N SER A 185 5.48 27.95 8.34
CA SER A 185 4.05 27.72 8.21
C SER A 185 3.70 26.25 8.10
N TRP A 186 4.52 25.49 7.39
CA TRP A 186 4.20 24.09 7.12
C TRP A 186 4.27 23.21 8.37
N GLN A 187 5.09 23.62 9.33
CA GLN A 187 5.22 22.88 10.59
C GLN A 187 3.96 22.95 11.46
N ARG A 188 3.25 24.07 11.37
CA ARG A 188 2.10 24.31 12.22
C ARG A 188 0.73 24.27 11.53
N ARG A 189 0.73 24.45 10.21
CA ARG A 189 -0.51 24.50 9.44
C ARG A 189 -0.61 23.38 8.40
N GLY A 190 0.52 22.72 8.12
CA GLY A 190 0.56 21.67 7.12
C GLY A 190 0.68 22.19 5.70
N VAL A 191 0.61 21.28 4.73
CA VAL A 191 0.82 21.64 3.32
C VAL A 191 -0.34 21.18 2.44
N ILE A 192 -0.78 22.03 1.52
CA ILE A 192 -1.81 21.64 0.57
C ILE A 192 -1.19 21.31 -0.79
N ILE A 193 -1.70 20.27 -1.46
CA ILE A 193 -1.27 19.95 -2.82
C ILE A 193 -2.48 19.79 -3.72
N SER A 194 -2.58 20.60 -4.77
CA SER A 194 -3.79 20.55 -5.59
C SER A 194 -3.56 20.82 -7.06
N LYS A 195 -4.50 20.37 -7.89
CA LYS A 195 -4.46 20.58 -9.33
C LYS A 195 -5.14 21.90 -9.71
N GLU A 196 -4.49 22.66 -10.58
CA GLU A 196 -5.04 23.96 -10.98
C GLU A 196 -4.97 24.10 -12.50
N ALA A 197 -5.76 25.03 -13.02
CA ALA A 197 -5.85 25.24 -14.46
C ALA A 197 -4.86 26.29 -14.95
N ARG A 216 -2.87 21.15 -17.08
CA ARG A 216 -3.25 21.63 -15.75
C ARG A 216 -2.12 21.35 -14.77
N LYS A 217 -1.63 22.39 -14.10
CA LYS A 217 -0.46 22.22 -13.25
C LYS A 217 -0.81 21.87 -11.81
N ILE A 218 -0.15 20.84 -11.29
CA ILE A 218 -0.25 20.49 -9.87
C ILE A 218 0.70 21.35 -9.04
N THR A 219 0.15 22.07 -8.06
CA THR A 219 0.94 22.99 -7.27
C THR A 219 0.90 22.64 -5.79
N GLN A 220 2.03 22.86 -5.12
CA GLN A 220 2.13 22.71 -3.67
C GLN A 220 2.12 24.06 -2.97
N ASN A 221 1.16 24.24 -2.06
CA ASN A 221 1.11 25.41 -1.21
C ASN A 221 1.69 25.09 0.17
N TRP A 222 2.75 25.81 0.51
CA TRP A 222 3.52 25.60 1.73
C TRP A 222 3.28 26.75 2.71
N GLU A 223 2.39 27.66 2.33
CA GLU A 223 2.03 28.79 3.18
C GLU A 223 0.52 28.98 3.12
N ILE A 224 -0.21 28.04 3.72
CA ILE A 224 -1.65 28.05 3.69
C ILE A 224 -2.22 28.82 4.88
N PRO A 225 -3.41 29.42 4.70
CA PRO A 225 -4.06 30.12 5.80
C PRO A 225 -4.60 29.16 6.84
N LYS A 226 -4.86 29.66 8.06
CA LYS A 226 -5.58 28.87 9.04
C LYS A 226 -7.02 28.75 8.55
N PHE A 227 -7.52 27.52 8.48
CA PHE A 227 -8.77 27.23 7.79
C PHE A 227 -9.97 27.97 8.37
N LYS A 228 -10.17 27.85 9.68
CA LYS A 228 -11.25 28.57 10.34
C LYS A 228 -10.79 30.00 10.62
N SER A 229 -10.87 30.84 9.60
CA SER A 229 -10.43 32.24 9.67
C SER A 229 -10.89 32.98 8.43
N GLU A 230 -10.65 34.29 8.39
CA GLU A 230 -11.20 35.15 7.34
C GLU A 230 -10.64 34.81 5.97
N LYS A 231 -9.34 34.50 5.91
CA LYS A 231 -8.68 34.18 4.66
C LYS A 231 -8.75 32.68 4.36
N GLY A 232 -8.94 31.87 5.41
CA GLY A 232 -9.00 30.44 5.27
C GLY A 232 -10.29 29.90 4.66
N ILE A 233 -11.42 30.49 5.03
CA ILE A 233 -12.72 30.02 4.58
C ILE A 233 -12.90 30.09 3.06
N PRO A 234 -12.70 31.27 2.43
CA PRO A 234 -12.85 31.27 0.98
C PRO A 234 -11.78 30.43 0.29
N PHE A 235 -10.62 30.30 0.94
CA PHE A 235 -9.53 29.47 0.44
C PHE A 235 -10.00 28.01 0.27
N LEU A 236 -10.49 27.44 1.37
CA LEU A 236 -10.99 26.07 1.35
C LEU A 236 -12.18 25.94 0.41
N GLU A 237 -13.06 26.94 0.42
CA GLU A 237 -14.26 26.91 -0.41
C GLU A 237 -13.91 26.88 -1.89
N LYS A 238 -12.84 27.58 -2.25
CA LYS A 238 -12.35 27.61 -3.62
C LYS A 238 -11.66 26.30 -3.97
N LEU A 239 -10.98 25.71 -2.99
CA LEU A 239 -10.37 24.40 -3.16
C LEU A 239 -11.41 23.32 -3.48
N ILE A 240 -12.51 23.34 -2.74
CA ILE A 240 -13.56 22.32 -2.88
C ILE A 240 -14.51 22.55 -4.06
N ASN A 241 -14.66 23.82 -4.46
CA ASN A 241 -15.69 24.28 -5.40
C ASN A 241 -17.07 24.25 -4.74
N THR B 3 -18.45 9.75 14.51
CA THR B 3 -17.58 8.70 14.01
C THR B 3 -17.79 8.48 12.51
N ARG B 4 -17.15 9.33 11.71
CA ARG B 4 -17.31 9.28 10.26
C ARG B 4 -16.54 8.12 9.65
N GLU B 5 -15.57 7.59 10.40
CA GLU B 5 -14.78 6.46 9.94
C GLU B 5 -15.57 5.17 10.15
N ILE B 6 -16.53 4.93 9.26
CA ILE B 6 -17.52 3.88 9.46
C ILE B 6 -17.00 2.46 9.23
N TYR B 7 -16.08 2.28 8.30
CA TYR B 7 -15.54 0.95 8.01
C TYR B 7 -14.34 0.60 8.88
N ALA B 8 -13.88 1.55 9.70
CA ALA B 8 -12.68 1.37 10.50
C ALA B 8 -12.84 0.37 11.66
N GLU B 9 -14.03 -0.16 11.83
CA GLU B 9 -14.29 -1.11 12.91
C GLU B 9 -14.54 -2.51 12.37
N MET B 10 -15.00 -2.58 11.12
CA MET B 10 -15.23 -3.83 10.41
C MET B 10 -14.07 -4.82 10.57
N ARG B 11 -14.40 -6.05 10.94
CA ARG B 11 -13.39 -7.04 11.28
C ARG B 11 -13.62 -8.37 10.56
N CYS B 12 -12.71 -9.31 10.78
CA CYS B 12 -12.83 -10.65 10.23
C CYS B 12 -12.42 -11.70 11.26
N ILE B 13 -12.54 -12.98 10.90
CA ILE B 13 -12.18 -14.05 11.81
C ILE B 13 -11.22 -15.04 11.16
N PRO B 14 -10.34 -15.65 11.96
CA PRO B 14 -9.42 -16.69 11.47
C PRO B 14 -10.18 -17.95 11.08
N PRO B 15 -9.69 -18.68 10.05
CA PRO B 15 -8.50 -18.31 9.29
C PRO B 15 -8.85 -17.40 8.11
N VAL B 16 -7.91 -16.55 7.71
CA VAL B 16 -8.18 -15.65 6.60
C VAL B 16 -7.01 -15.69 5.62
N VAL B 17 -7.28 -15.37 4.35
CA VAL B 17 -6.19 -15.31 3.38
C VAL B 17 -6.14 -13.91 2.78
N LEU B 18 -4.99 -13.25 2.88
CA LEU B 18 -4.88 -11.95 2.25
C LEU B 18 -4.29 -12.12 0.87
N ARG B 19 -5.05 -11.74 -0.16
CA ARG B 19 -4.53 -11.83 -1.51
C ARG B 19 -4.29 -10.44 -2.08
N ALA B 20 -3.03 -10.18 -2.39
CA ALA B 20 -2.63 -8.94 -3.02
C ALA B 20 -2.26 -9.19 -4.47
N ASP B 21 -2.79 -8.36 -5.36
CA ASP B 21 -2.58 -8.48 -6.79
C ASP B 21 -2.04 -7.17 -7.36
N GLY B 22 -0.92 -7.24 -8.06
CA GLY B 22 -0.33 -6.07 -8.68
C GLY B 22 -1.29 -5.30 -9.58
N ARG B 23 -1.48 -4.02 -9.28
CA ARG B 23 -2.38 -3.20 -10.08
C ARG B 23 -1.73 -2.68 -11.35
N ASN B 24 -2.39 -2.95 -12.48
CA ASN B 24 -1.96 -2.47 -13.79
C ASN B 24 -0.46 -2.70 -14.05
N PHE B 25 0.04 -3.85 -13.59
CA PHE B 25 1.47 -4.16 -13.68
C PHE B 25 1.94 -4.29 -15.12
N LYS B 26 1.00 -4.54 -16.02
CA LYS B 26 1.31 -4.65 -17.45
C LYS B 26 2.04 -3.40 -17.95
N ASN B 27 1.41 -2.24 -17.80
CA ASN B 27 1.99 -0.97 -18.24
C ASN B 27 3.19 -0.46 -17.42
N THR B 28 2.96 -0.22 -16.14
CA THR B 28 3.93 0.42 -15.26
C THR B 28 5.30 -0.28 -15.17
N LEU B 29 5.29 -1.60 -15.31
CA LEU B 29 6.53 -2.40 -15.32
C LEU B 29 7.07 -2.73 -16.71
N SER B 30 6.28 -2.49 -17.75
CA SER B 30 6.68 -2.78 -19.14
C SER B 30 7.92 -1.98 -19.58
N GLY B 31 8.08 -0.79 -19.01
CA GLY B 31 9.16 0.12 -19.38
C GLY B 31 10.57 -0.45 -19.31
N LEU B 32 10.86 -1.24 -18.28
CA LEU B 32 12.24 -1.67 -18.03
C LEU B 32 12.68 -2.78 -18.98
N GLY B 33 11.75 -3.45 -19.63
CA GLY B 33 12.13 -4.44 -20.62
C GLY B 33 12.26 -5.83 -20.00
N PHE B 34 11.26 -6.23 -19.23
CA PHE B 34 11.27 -7.56 -18.62
C PHE B 34 11.00 -8.61 -19.68
N GLU B 35 11.68 -9.74 -19.59
CA GLU B 35 11.48 -10.83 -20.55
C GLU B 35 10.03 -11.28 -20.53
N LYS B 36 9.49 -11.61 -21.70
CA LYS B 36 8.10 -12.00 -21.84
C LYS B 36 8.02 -13.44 -22.34
N PRO B 37 7.03 -14.22 -21.86
CA PRO B 37 5.93 -13.87 -20.96
C PRO B 37 6.29 -14.04 -19.49
N TYR B 38 7.44 -14.64 -19.21
CA TYR B 38 7.92 -14.79 -17.85
C TYR B 38 9.34 -14.27 -17.72
N ASP B 39 9.65 -13.72 -16.56
CA ASP B 39 10.95 -13.14 -16.29
C ASP B 39 11.37 -13.46 -14.86
N LYS B 40 12.40 -14.29 -14.72
CA LYS B 40 12.86 -14.78 -13.43
C LYS B 40 13.34 -13.63 -12.53
N THR B 41 13.64 -12.47 -13.12
CA THR B 41 14.05 -11.34 -12.32
C THR B 41 12.83 -10.79 -11.55
N PHE B 42 11.71 -10.68 -12.25
CA PHE B 42 10.47 -10.25 -11.63
C PHE B 42 9.91 -11.29 -10.67
N ALA B 43 10.00 -12.57 -11.04
CA ALA B 43 9.50 -13.64 -10.18
C ALA B 43 10.31 -13.70 -8.89
N ARG B 44 11.61 -13.53 -9.04
CA ARG B 44 12.53 -13.50 -7.91
C ARG B 44 12.23 -12.28 -7.06
N ALA B 45 11.87 -11.18 -7.72
CA ALA B 45 11.51 -9.96 -7.02
C ALA B 45 10.27 -10.15 -6.18
N MET B 46 9.29 -10.87 -6.71
CA MET B 46 8.03 -11.10 -6.01
C MET B 46 8.23 -12.06 -4.83
N ALA B 47 9.02 -13.11 -5.05
CA ALA B 47 9.32 -14.05 -3.98
C ALA B 47 10.11 -13.35 -2.89
N ASP B 48 10.97 -12.42 -3.29
CA ASP B 48 11.79 -11.65 -2.37
C ASP B 48 10.91 -10.70 -1.57
N THR B 49 9.90 -10.13 -2.22
CA THR B 49 8.91 -9.30 -1.56
C THR B 49 8.16 -10.08 -0.49
N ALA B 50 7.72 -11.28 -0.84
CA ALA B 50 7.01 -12.12 0.12
C ALA B 50 7.90 -12.49 1.31
N GLU B 51 9.14 -12.88 1.01
CA GLU B 51 10.11 -13.20 2.05
C GLU B 51 10.33 -12.02 2.99
N LEU B 52 10.53 -10.84 2.40
CA LEU B 52 10.78 -9.62 3.15
C LEU B 52 9.57 -9.26 4.01
N PHE B 53 8.38 -9.53 3.50
CA PHE B 53 7.15 -9.33 4.28
C PHE B 53 7.16 -10.23 5.50
N ILE B 54 7.35 -11.52 5.28
CA ILE B 54 7.43 -12.48 6.39
C ILE B 54 8.53 -12.08 7.39
N LYS B 55 9.59 -11.45 6.90
CA LYS B 55 10.78 -11.17 7.71
C LYS B 55 10.70 -9.90 8.55
N LYS B 56 10.10 -8.84 8.01
CA LYS B 56 10.19 -7.53 8.65
C LYS B 56 8.86 -6.76 8.79
N SER B 57 7.75 -7.39 8.46
CA SER B 57 6.46 -6.70 8.56
C SER B 57 5.96 -6.60 9.99
N GLY B 58 6.38 -7.54 10.84
CA GLY B 58 5.94 -7.59 12.21
C GLY B 58 4.59 -8.29 12.32
N LEU B 59 4.10 -8.77 11.19
CA LEU B 59 2.91 -9.62 11.16
C LEU B 59 3.38 -11.06 11.04
N SER B 60 2.47 -12.02 11.20
CA SER B 60 2.86 -13.41 11.26
C SER B 60 2.00 -14.32 10.37
N PRO B 61 2.18 -14.24 9.06
CA PRO B 61 1.48 -15.20 8.20
C PRO B 61 2.10 -16.58 8.35
N LEU B 62 1.34 -17.63 8.06
CA LEU B 62 1.89 -18.98 8.12
C LEU B 62 2.78 -19.21 6.91
N PHE B 63 2.32 -18.77 5.75
CA PHE B 63 3.13 -18.81 4.54
C PHE B 63 2.55 -17.93 3.44
N ALA B 64 3.37 -17.68 2.42
CA ALA B 64 2.95 -16.97 1.23
C ALA B 64 3.00 -17.89 0.02
N TYR B 65 2.07 -17.71 -0.89
CA TYR B 65 2.09 -18.39 -2.18
C TYR B 65 2.04 -17.33 -3.26
N THR B 66 3.01 -17.33 -4.17
CA THR B 66 3.06 -16.28 -5.16
C THR B 66 3.17 -16.81 -6.58
N PHE B 67 2.52 -16.11 -7.50
CA PHE B 67 2.64 -16.41 -8.91
C PHE B 67 2.15 -15.19 -9.68
N SER B 68 2.63 -15.04 -10.91
CA SER B 68 2.26 -13.90 -11.74
C SER B 68 2.59 -12.62 -10.96
N ASP B 69 1.64 -11.70 -10.91
CA ASP B 69 1.81 -10.49 -10.12
C ASP B 69 1.06 -10.52 -8.80
N GLU B 70 0.90 -11.70 -8.20
CA GLU B 70 0.10 -11.80 -6.98
C GLU B 70 0.69 -12.70 -5.90
N ILE B 71 0.40 -12.34 -4.65
CA ILE B 71 0.81 -13.10 -3.47
C ILE B 71 -0.37 -13.33 -2.54
N SER B 72 -0.47 -14.53 -1.97
CA SER B 72 -1.49 -14.84 -0.97
C SER B 72 -0.84 -15.24 0.36
N PHE B 73 -1.28 -14.61 1.44
CA PHE B 73 -0.74 -14.89 2.76
C PHE B 73 -1.77 -15.58 3.63
N LEU B 74 -1.44 -16.75 4.17
CA LEU B 74 -2.35 -17.40 5.11
C LEU B 74 -2.16 -16.86 6.53
N PHE B 75 -3.26 -16.39 7.11
CA PHE B 75 -3.26 -15.85 8.47
C PHE B 75 -4.17 -16.64 9.40
N THR B 76 -3.60 -17.10 10.52
CA THR B 76 -4.39 -17.67 11.61
C THR B 76 -4.39 -16.67 12.76
N ASP B 77 -3.21 -16.20 13.13
CA ASP B 77 -3.11 -15.06 14.04
C ASP B 77 -3.43 -13.81 13.22
N LEU B 78 -4.53 -13.15 13.55
CA LEU B 78 -4.94 -11.95 12.82
C LEU B 78 -4.19 -10.72 13.31
N PRO B 79 -3.67 -9.93 12.37
CA PRO B 79 -3.04 -8.65 12.71
C PRO B 79 -4.08 -7.56 12.91
N PHE B 80 -3.73 -6.53 13.69
CA PHE B 80 -4.60 -5.38 13.90
C PHE B 80 -6.01 -5.75 14.34
N ASP B 81 -6.11 -6.75 15.22
CA ASP B 81 -7.38 -7.23 15.75
C ASP B 81 -8.37 -7.68 14.66
N GLY B 82 -7.84 -8.00 13.48
CA GLY B 82 -8.67 -8.45 12.38
C GLY B 82 -9.37 -7.34 11.62
N ARG B 83 -8.98 -6.10 11.92
CA ARG B 83 -9.55 -4.93 11.25
C ARG B 83 -9.22 -4.93 9.77
N VAL B 84 -10.25 -5.03 8.94
CA VAL B 84 -10.08 -5.21 7.49
C VAL B 84 -9.37 -4.06 6.78
N GLU B 85 -9.79 -2.83 7.07
CA GLU B 85 -9.16 -1.64 6.50
C GLU B 85 -7.66 -1.60 6.78
N LYS B 86 -7.31 -1.79 8.05
CA LYS B 86 -5.93 -1.66 8.48
C LYS B 86 -5.09 -2.77 7.86
N ILE B 87 -5.60 -4.00 7.88
CA ILE B 87 -4.90 -5.13 7.32
C ILE B 87 -4.64 -4.96 5.82
N ASP B 88 -5.71 -4.73 5.06
CA ASP B 88 -5.61 -4.56 3.61
C ASP B 88 -4.67 -3.43 3.24
N SER B 89 -4.89 -2.25 3.82
CA SER B 89 -4.11 -1.08 3.47
C SER B 89 -2.64 -1.25 3.84
N VAL B 90 -2.38 -1.66 5.09
CA VAL B 90 -1.01 -1.81 5.55
C VAL B 90 -0.24 -2.87 4.76
N VAL B 91 -0.84 -4.04 4.57
CA VAL B 91 -0.14 -5.10 3.86
C VAL B 91 0.12 -4.72 2.39
N ALA B 92 -0.90 -4.19 1.73
CA ALA B 92 -0.73 -3.72 0.36
C ALA B 92 0.40 -2.68 0.26
N SER B 93 0.41 -1.75 1.21
CA SER B 93 1.41 -0.70 1.24
C SER B 93 2.82 -1.24 1.41
N PHE B 94 2.97 -2.16 2.37
CA PHE B 94 4.27 -2.77 2.65
C PHE B 94 4.75 -3.49 1.41
N LEU B 95 3.84 -4.20 0.74
CA LEU B 95 4.19 -4.92 -0.49
C LEU B 95 4.66 -3.96 -1.58
N GLY B 96 3.96 -2.84 -1.74
CA GLY B 96 4.36 -1.83 -2.69
C GLY B 96 5.75 -1.30 -2.42
N SER B 97 6.03 -1.00 -1.15
CA SER B 97 7.33 -0.49 -0.76
C SER B 97 8.44 -1.51 -1.03
N ALA B 98 8.24 -2.72 -0.51
CA ALA B 98 9.18 -3.82 -0.67
C ALA B 98 9.52 -4.08 -2.13
N LEU B 99 8.51 -4.30 -2.96
CA LEU B 99 8.73 -4.54 -4.38
C LEU B 99 9.42 -3.35 -5.05
N THR B 100 9.05 -2.13 -4.63
CA THR B 100 9.71 -0.94 -5.17
C THR B 100 11.22 -0.96 -4.86
N ILE B 101 11.57 -1.43 -3.66
CA ILE B 101 12.97 -1.58 -3.28
C ILE B 101 13.68 -2.66 -4.08
N LYS B 102 13.06 -3.83 -4.19
CA LYS B 102 13.73 -5.00 -4.78
C LYS B 102 13.94 -4.84 -6.29
N LEU B 103 13.09 -4.07 -6.93
CA LEU B 103 13.23 -3.83 -8.37
C LEU B 103 13.91 -2.49 -8.65
N ARG B 104 14.18 -1.73 -7.59
CA ARG B 104 14.82 -0.42 -7.70
C ARG B 104 14.08 0.48 -8.68
N LEU B 105 12.77 0.63 -8.47
CA LEU B 105 11.91 1.33 -9.41
C LEU B 105 12.03 2.84 -9.32
N GLU B 106 11.92 3.50 -10.46
CA GLU B 106 11.96 4.95 -10.54
C GLU B 106 10.55 5.53 -10.55
N GLU B 107 9.60 4.72 -11.01
CA GLU B 107 8.20 5.13 -11.02
C GLU B 107 7.41 4.23 -10.05
N PRO B 108 6.43 4.81 -9.35
CA PRO B 108 5.69 4.10 -8.29
C PRO B 108 4.73 3.04 -8.82
N ILE B 109 4.51 2.02 -8.02
CA ILE B 109 3.55 0.98 -8.35
C ILE B 109 2.56 0.74 -7.22
N ALA B 110 1.56 -0.10 -7.46
CA ALA B 110 0.60 -0.42 -6.41
C ALA B 110 0.09 -1.85 -6.51
N PHE B 111 -0.17 -2.44 -5.35
CA PHE B 111 -0.98 -3.65 -5.27
C PHE B 111 -2.38 -3.29 -4.82
N ASP B 112 -3.36 -4.09 -5.23
CA ASP B 112 -4.66 -4.08 -4.57
C ASP B 112 -4.62 -5.25 -3.60
N SER B 113 -5.44 -5.19 -2.56
CA SER B 113 -5.48 -6.27 -1.59
C SER B 113 -6.91 -6.62 -1.23
N ARG B 114 -7.13 -7.87 -0.84
CA ARG B 114 -8.45 -8.26 -0.37
C ARG B 114 -8.38 -9.46 0.58
N LEU B 115 -9.25 -9.45 1.57
CA LEU B 115 -9.37 -10.57 2.49
C LEU B 115 -10.33 -11.62 1.95
N VAL B 116 -9.90 -12.87 2.05
CA VAL B 116 -10.72 -14.02 1.70
C VAL B 116 -11.03 -14.80 2.97
N ALA B 117 -12.31 -14.81 3.34
CA ALA B 117 -12.75 -15.50 4.56
C ALA B 117 -12.99 -16.97 4.24
N LEU B 118 -12.41 -17.84 5.06
CA LEU B 118 -12.43 -19.26 4.77
C LEU B 118 -12.68 -20.10 6.02
N GLN B 119 -13.25 -21.28 5.80
CA GLN B 119 -13.29 -22.31 6.83
C GLN B 119 -12.03 -23.15 6.66
N LYS B 120 -11.45 -23.62 7.76
CA LYS B 120 -10.21 -24.39 7.72
C LYS B 120 -10.23 -25.48 6.66
N GLU B 121 -11.33 -26.24 6.62
CA GLU B 121 -11.52 -27.30 5.63
C GLU B 121 -11.38 -26.79 4.19
N GLU B 122 -11.65 -25.50 3.98
CA GLU B 122 -11.60 -24.91 2.65
C GLU B 122 -10.21 -24.40 2.28
N ILE B 123 -9.29 -24.37 3.24
CA ILE B 123 -7.98 -23.75 3.00
C ILE B 123 -7.19 -24.42 1.85
N PRO B 124 -7.10 -25.77 1.83
CA PRO B 124 -6.41 -26.38 0.68
C PRO B 124 -7.06 -26.01 -0.65
N GLU B 125 -8.38 -26.13 -0.71
CA GLU B 125 -9.12 -25.92 -1.96
C GLU B 125 -8.79 -24.58 -2.57
N TYR B 126 -8.82 -23.53 -1.75
CA TYR B 126 -8.45 -22.18 -2.16
C TYR B 126 -7.14 -22.20 -2.93
N PHE B 127 -6.11 -22.77 -2.31
CA PHE B 127 -4.79 -22.75 -2.91
C PHE B 127 -4.79 -23.57 -4.17
N HIS B 128 -5.54 -24.68 -4.15
CA HIS B 128 -5.71 -25.48 -5.35
C HIS B 128 -6.27 -24.59 -6.43
N ARG B 129 -7.33 -23.85 -6.08
CA ARG B 129 -7.97 -22.96 -7.04
C ARG B 129 -6.90 -22.04 -7.58
N ARG B 130 -6.09 -21.50 -6.68
CA ARG B 130 -5.11 -20.50 -7.09
C ARG B 130 -4.10 -21.15 -8.02
N GLN B 131 -3.68 -22.35 -7.67
CA GLN B 131 -2.71 -23.05 -8.50
C GLN B 131 -3.32 -23.27 -9.88
N LEU B 132 -4.61 -23.61 -9.90
CA LEU B 132 -5.31 -23.79 -11.16
C LEU B 132 -5.20 -22.51 -11.97
N GLU B 133 -5.45 -21.39 -11.30
CA GLU B 133 -5.38 -20.08 -11.95
C GLU B 133 -3.98 -19.88 -12.51
N ALA B 134 -2.97 -20.25 -11.71
CA ALA B 134 -1.59 -20.16 -12.13
C ALA B 134 -1.41 -20.89 -13.46
N TRP B 135 -1.92 -22.12 -13.53
CA TRP B 135 -1.82 -22.90 -14.75
C TRP B 135 -2.48 -22.14 -15.89
N ARG B 136 -3.67 -21.61 -15.63
CA ARG B 136 -4.43 -20.93 -16.66
C ARG B 136 -3.68 -19.67 -17.10
N ASN B 137 -2.88 -19.13 -16.20
CA ASN B 137 -2.03 -18.01 -16.55
C ASN B 137 -0.96 -18.52 -17.49
N PHE B 138 -0.24 -19.54 -17.03
CA PHE B 138 0.90 -20.13 -17.72
C PHE B 138 0.67 -20.31 -19.21
N VAL B 139 -0.23 -21.22 -19.54
CA VAL B 139 -0.59 -21.51 -20.92
C VAL B 139 -0.87 -20.23 -21.67
N ALA B 140 -1.81 -19.43 -21.14
CA ALA B 140 -2.24 -18.22 -21.82
C ALA B 140 -1.05 -17.33 -22.08
N SER B 141 -0.20 -17.19 -21.06
CA SER B 141 0.93 -16.28 -21.13
C SER B 141 1.82 -16.64 -22.29
N TRP B 142 1.97 -17.94 -22.55
CA TRP B 142 2.81 -18.38 -23.64
C TRP B 142 2.11 -18.21 -24.98
N GLY B 143 0.81 -18.51 -25.02
CA GLY B 143 0.06 -18.44 -26.26
C GLY B 143 0.26 -17.08 -26.89
N TYR B 144 -0.17 -16.06 -26.14
CA TYR B 144 0.03 -14.67 -26.52
C TYR B 144 1.45 -14.43 -27.05
N TYR B 145 2.44 -14.86 -26.28
CA TYR B 145 3.84 -14.65 -26.65
C TYR B 145 4.10 -15.19 -28.05
N ALA B 146 3.71 -16.44 -28.28
CA ALA B 146 3.95 -17.08 -29.58
C ALA B 146 3.38 -16.21 -30.67
N LEU B 147 2.16 -15.72 -30.43
CA LEU B 147 1.45 -14.90 -31.40
C LEU B 147 2.29 -13.67 -31.74
N ARG B 148 2.87 -13.04 -30.73
CA ARG B 148 3.71 -11.87 -30.94
C ARG B 148 4.91 -12.17 -31.82
N ASN B 149 5.45 -13.37 -31.71
CA ASN B 149 6.57 -13.76 -32.56
C ASN B 149 6.13 -14.14 -33.97
N GLU B 150 4.84 -14.44 -34.12
CA GLU B 150 4.29 -14.83 -35.41
C GLU B 150 3.58 -13.67 -36.11
N GLY B 151 3.96 -12.45 -35.74
CA GLY B 151 3.41 -11.26 -36.39
C GLY B 151 1.93 -11.05 -36.15
N MET B 152 1.54 -10.90 -34.89
CA MET B 152 0.14 -10.67 -34.55
C MET B 152 -0.09 -9.32 -33.87
N GLY B 153 -1.25 -8.74 -34.15
CA GLY B 153 -1.72 -7.58 -33.42
C GLY B 153 -2.16 -8.06 -32.05
N ARG B 154 -2.19 -7.15 -31.09
CA ARG B 154 -2.54 -7.50 -29.72
C ARG B 154 -3.99 -8.00 -29.67
N ASN B 155 -4.89 -7.25 -30.29
CA ASN B 155 -6.30 -7.60 -30.36
C ASN B 155 -6.49 -8.92 -31.11
N GLU B 156 -5.73 -9.06 -32.20
CA GLU B 156 -5.74 -10.26 -33.02
C GLU B 156 -5.38 -11.45 -32.14
N ALA B 157 -4.39 -11.22 -31.29
CA ALA B 157 -3.95 -12.24 -30.34
C ALA B 157 -5.07 -12.60 -29.38
N ALA B 158 -5.80 -11.59 -28.92
CA ALA B 158 -6.91 -11.83 -27.99
C ALA B 158 -8.04 -12.69 -28.58
N LYS B 159 -8.45 -12.39 -29.81
CA LYS B 159 -9.61 -13.07 -30.41
C LYS B 159 -9.42 -14.59 -30.49
N TYR B 160 -8.32 -14.99 -31.12
CA TYR B 160 -7.98 -16.40 -31.29
C TYR B 160 -7.79 -17.08 -29.95
N LEU B 161 -7.14 -16.38 -29.03
CA LEU B 161 -6.79 -16.99 -27.75
C LEU B 161 -8.07 -17.33 -27.00
N LYS B 162 -9.05 -16.43 -27.08
CA LYS B 162 -10.34 -16.71 -26.47
C LYS B 162 -11.07 -17.85 -27.18
N ARG B 163 -10.98 -17.89 -28.52
CA ARG B 163 -11.75 -18.87 -29.28
C ARG B 163 -11.40 -20.35 -29.01
N LYS B 164 -10.12 -20.67 -28.94
CA LYS B 164 -9.69 -22.07 -28.77
C LYS B 164 -9.36 -22.43 -27.33
N LYS B 165 -9.54 -23.69 -26.97
CA LYS B 165 -9.21 -24.17 -25.64
C LYS B 165 -7.83 -24.83 -25.62
N GLU B 166 -7.40 -25.26 -24.43
CA GLU B 166 -6.00 -25.61 -24.16
C GLU B 166 -5.30 -26.60 -25.10
N SER B 167 -5.99 -27.65 -25.55
CA SER B 167 -5.34 -28.66 -26.38
C SER B 167 -4.78 -28.07 -27.68
N GLU B 168 -5.64 -27.35 -28.40
CA GLU B 168 -5.28 -26.73 -29.67
C GLU B 168 -4.16 -25.71 -29.48
N ILE B 169 -4.17 -25.03 -28.33
CA ILE B 169 -3.13 -24.07 -28.00
C ILE B 169 -1.79 -24.76 -27.77
N HIS B 170 -1.81 -25.83 -26.98
CA HIS B 170 -0.66 -26.70 -26.76
C HIS B 170 -0.06 -27.11 -28.08
N GLU B 171 -0.93 -27.52 -29.00
CA GLU B 171 -0.52 -27.93 -30.33
C GLU B 171 0.15 -26.78 -31.06
N MET B 172 -0.44 -25.60 -31.00
CA MET B 172 0.14 -24.44 -31.67
C MET B 172 1.54 -24.16 -31.15
N LEU B 173 1.69 -24.19 -29.83
CA LEU B 173 2.98 -23.86 -29.22
C LEU B 173 4.00 -24.92 -29.60
N PHE B 174 3.55 -26.16 -29.75
CA PHE B 174 4.46 -27.22 -30.15
C PHE B 174 4.91 -27.03 -31.60
N GLU B 175 3.97 -26.62 -32.46
CA GLU B 175 4.29 -26.29 -33.84
C GLU B 175 5.27 -25.12 -33.91
N ARG B 176 5.04 -24.09 -33.09
CA ARG B 176 5.87 -22.90 -33.14
C ARG B 176 7.17 -23.11 -32.35
N GLY B 177 7.42 -24.37 -31.97
CA GLY B 177 8.70 -24.74 -31.37
C GLY B 177 8.72 -24.91 -29.86
N ILE B 178 7.62 -24.63 -29.18
CA ILE B 178 7.60 -24.63 -27.73
C ILE B 178 6.80 -25.76 -27.08
N ASN B 179 7.50 -26.69 -26.43
CA ASN B 179 6.84 -27.70 -25.62
C ASN B 179 6.80 -27.23 -24.17
N LEU B 180 5.60 -26.99 -23.64
CA LEU B 180 5.41 -26.41 -22.32
C LEU B 180 5.88 -27.31 -21.18
N ALA B 181 6.07 -28.59 -21.48
CA ALA B 181 6.43 -29.57 -20.46
C ALA B 181 7.90 -29.48 -20.08
N THR B 182 8.69 -28.78 -20.88
CA THR B 182 10.13 -28.67 -20.63
C THR B 182 10.46 -27.38 -19.90
N LEU B 183 9.45 -26.55 -19.70
CA LEU B 183 9.59 -25.30 -18.94
C LEU B 183 9.66 -25.56 -17.43
N PRO B 184 10.29 -24.63 -16.67
CA PRO B 184 10.50 -24.83 -15.24
C PRO B 184 9.21 -24.91 -14.43
N SER B 185 9.23 -25.69 -13.36
CA SER B 185 8.06 -25.95 -12.52
C SER B 185 7.35 -24.69 -12.00
N TRP B 186 8.12 -23.67 -11.62
CA TRP B 186 7.55 -22.49 -10.97
C TRP B 186 6.67 -21.66 -11.91
N GLN B 187 6.91 -21.74 -13.21
CA GLN B 187 6.12 -20.97 -14.16
C GLN B 187 4.66 -21.41 -14.17
N ARG B 188 4.42 -22.68 -13.88
CA ARG B 188 3.08 -23.23 -13.95
C ARG B 188 2.52 -23.52 -12.56
N ARG B 189 3.40 -23.63 -11.57
CA ARG B 189 2.97 -23.97 -10.22
C ARG B 189 3.18 -22.87 -9.18
N GLY B 190 3.98 -21.87 -9.52
CA GLY B 190 4.26 -20.79 -8.60
C GLY B 190 5.31 -21.12 -7.54
N VAL B 191 5.47 -20.21 -6.59
CA VAL B 191 6.52 -20.33 -5.58
C VAL B 191 5.94 -20.21 -4.17
N ILE B 192 6.40 -21.07 -3.26
CA ILE B 192 5.97 -20.98 -1.86
C ILE B 192 7.06 -20.29 -1.04
N ILE B 193 6.67 -19.46 -0.08
CA ILE B 193 7.65 -18.89 0.84
C ILE B 193 7.18 -19.13 2.26
N SER B 194 7.98 -19.87 3.02
CA SER B 194 7.57 -20.27 4.37
C SER B 194 8.77 -20.43 5.29
N LYS B 195 8.54 -20.42 6.60
CA LYS B 195 9.65 -20.62 7.53
C LYS B 195 9.84 -22.11 7.75
N GLU B 196 11.08 -22.57 7.61
CA GLU B 196 11.39 -24.00 7.69
C GLU B 196 12.64 -24.30 8.52
N ALA B 197 12.78 -25.57 8.89
CA ALA B 197 13.91 -26.04 9.68
C ALA B 197 15.04 -26.54 8.78
N ARG B 216 15.18 -21.17 12.69
CA ARG B 216 14.46 -21.61 11.50
C ARG B 216 14.52 -20.56 10.39
N LYS B 217 14.99 -20.99 9.22
CA LYS B 217 15.25 -20.09 8.10
C LYS B 217 14.04 -19.91 7.21
N ILE B 218 13.80 -18.67 6.78
CA ILE B 218 12.74 -18.43 5.82
C ILE B 218 13.22 -18.89 4.45
N THR B 219 12.47 -19.81 3.87
CA THR B 219 12.87 -20.46 2.62
C THR B 219 11.86 -20.26 1.50
N GLN B 220 12.41 -20.14 0.29
CA GLN B 220 11.62 -20.08 -0.93
C GLN B 220 11.68 -21.44 -1.63
N ASN B 221 10.52 -22.05 -1.83
CA ASN B 221 10.41 -23.28 -2.58
C ASN B 221 9.97 -22.96 -4.01
N TRP B 222 10.83 -23.29 -4.95
CA TRP B 222 10.64 -22.99 -6.36
C TRP B 222 10.32 -24.27 -7.11
N GLU B 223 10.17 -25.35 -6.36
CA GLU B 223 9.83 -26.65 -6.92
C GLU B 223 8.77 -27.32 -6.07
N ILE B 224 7.58 -26.74 -6.08
CA ILE B 224 6.48 -27.23 -5.25
C ILE B 224 5.62 -28.23 -6.03
N PRO B 225 5.01 -29.18 -5.31
CA PRO B 225 4.11 -30.17 -5.93
C PRO B 225 2.79 -29.55 -6.35
N LYS B 226 2.04 -30.24 -7.21
CA LYS B 226 0.66 -29.85 -7.48
C LYS B 226 -0.16 -30.08 -6.22
N PHE B 227 -0.88 -29.04 -5.79
CA PHE B 227 -1.52 -29.05 -4.49
C PHE B 227 -2.55 -30.18 -4.38
N LYS B 228 -3.47 -30.24 -5.33
CA LYS B 228 -4.43 -31.34 -5.36
C LYS B 228 -3.82 -32.55 -6.09
N SER B 229 -3.02 -33.32 -5.35
CA SER B 229 -2.32 -34.48 -5.88
C SER B 229 -1.76 -35.27 -4.71
N GLU B 230 -1.20 -36.44 -4.98
CA GLU B 230 -0.80 -37.35 -3.91
C GLU B 230 0.34 -36.80 -3.05
N LYS B 231 1.31 -36.14 -3.68
CA LYS B 231 2.43 -35.60 -2.94
C LYS B 231 2.12 -34.18 -2.45
N GLY B 232 1.16 -33.54 -3.10
CA GLY B 232 0.77 -32.19 -2.77
C GLY B 232 -0.03 -32.08 -1.48
N ILE B 233 -0.89 -33.06 -1.22
CA ILE B 233 -1.78 -33.03 -0.06
C ILE B 233 -1.02 -33.00 1.28
N PRO B 234 -0.09 -33.96 1.53
CA PRO B 234 0.60 -33.87 2.81
C PRO B 234 1.51 -32.64 2.90
N PHE B 235 1.99 -32.18 1.75
CA PHE B 235 2.81 -30.97 1.66
C PHE B 235 2.04 -29.77 2.21
N LEU B 236 0.88 -29.51 1.62
CA LEU B 236 0.04 -28.40 2.03
C LEU B 236 -0.39 -28.59 3.48
N GLU B 237 -0.70 -29.83 3.84
CA GLU B 237 -1.17 -30.15 5.18
C GLU B 237 -0.11 -29.82 6.23
N LYS B 238 1.15 -30.05 5.90
CA LYS B 238 2.24 -29.70 6.81
C LYS B 238 2.48 -28.20 6.82
N LEU B 239 2.29 -27.55 5.68
CA LEU B 239 2.38 -26.09 5.62
C LEU B 239 1.37 -25.41 6.55
N ILE B 240 0.13 -25.90 6.54
CA ILE B 240 -0.95 -25.29 7.31
C ILE B 240 -0.91 -25.68 8.80
N ASN B 241 -0.32 -26.83 9.10
CA ASN B 241 -0.38 -27.47 10.42
C ASN B 241 -1.78 -28.02 10.69
PG GTP C . 1.11 4.45 13.99
O1G GTP C . 1.84 3.16 13.68
O2G GTP C . -0.18 4.11 14.71
O3G GTP C . 0.77 5.17 12.71
O3B GTP C . 2.02 5.39 14.93
PB GTP C . 3.30 6.19 14.37
O1B GTP C . 4.57 5.53 14.85
O2B GTP C . 3.30 6.28 12.87
O3A GTP C . 3.22 7.69 14.98
PA GTP C . 1.93 8.65 14.82
O1A GTP C . 1.43 8.68 13.40
O2A GTP C . 0.84 8.24 15.78
O5' GTP C . 2.53 10.08 15.24
C5' GTP C . 3.36 10.79 14.35
C4' GTP C . 4.83 10.40 14.55
O4' GTP C . 5.55 10.61 13.35
C3' GTP C . 5.51 11.25 15.61
O3' GTP C . 5.69 10.51 16.79
C2' GTP C . 6.86 11.62 15.02
O2' GTP C . 7.92 11.08 15.78
C1' GTP C . 6.86 11.06 13.60
N9 GTP C . 7.23 12.13 12.65
C8 GTP C . 6.39 12.75 11.77
N7 GTP C . 7.11 13.67 11.06
C5 GTP C . 8.39 13.62 11.48
C6 GTP C . 9.52 14.32 11.09
O6 GTP C . 9.46 15.19 10.21
N1 GTP C . 10.73 14.05 11.69
C2 GTP C . 10.82 13.09 12.68
N2 GTP C . 11.98 12.83 13.26
N3 GTP C . 9.68 12.40 13.05
C4 GTP C . 8.49 12.65 12.47
MG MG D . 1.63 7.32 11.92
MG MG E . 0.20 10.32 12.65
PG GTP F . -5.18 -5.23 -12.56
O1G GTP F . -5.15 -3.81 -12.04
O2G GTP F . -6.63 -5.62 -12.81
O3G GTP F . -4.58 -6.16 -11.53
O3B GTP F . -4.35 -5.30 -13.94
PB GTP F . -3.31 -6.51 -14.21
O1B GTP F . -2.79 -6.44 -15.62
O2B GTP F . -2.19 -6.51 -13.20
O3A GTP F . -4.28 -7.79 -14.02
PA GTP F . -3.76 -9.29 -13.78
O1A GTP F . -3.14 -9.41 -12.41
O2A GTP F . -4.92 -10.24 -13.91
O5' GTP F . -2.66 -9.61 -14.92
C5' GTP F . -1.31 -9.79 -14.57
C4' GTP F . -0.39 -9.16 -15.61
O4' GTP F . 0.93 -9.16 -15.12
C3' GTP F . -0.37 -9.97 -16.90
O3' GTP F . -1.13 -9.33 -17.90
C2' GTP F . 1.09 -10.04 -17.30
O2' GTP F . 1.30 -9.36 -18.51
C1' GTP F . 1.85 -9.37 -16.17
N9 GTP F . 2.95 -10.24 -15.71
C8 GTP F . 2.92 -11.09 -14.63
N7 GTP F . 4.12 -11.71 -14.54
C5 GTP F . 4.93 -11.26 -15.53
C6 GTP F . 6.23 -11.56 -15.88
O6 GTP F . 6.88 -12.37 -15.23
N1 GTP F . 6.82 -10.93 -16.96
C2 GTP F . 6.09 -10.01 -17.70
N2 GTP F . 6.63 -9.40 -18.74
N3 GTP F . 4.78 -9.72 -17.34
C4 GTP F . 4.21 -10.33 -16.27
MG MG G . -2.62 -7.60 -11.34
MG MG H . -2.70 -11.58 -11.02
#